data_2C9A
#
_entry.id   2C9A
#
_cell.length_a   58.856
_cell.length_b   97.737
_cell.length_c   134.357
_cell.angle_alpha   90.00
_cell.angle_beta   90.00
_cell.angle_gamma   90.00
#
_symmetry.space_group_name_H-M   'I 2 2 2'
#
loop_
_entity.id
_entity.type
_entity.pdbx_description
1 polymer 'RECEPTOR-TYPE TYROSINE-PROTEIN PHOSPHATASE MU'
2 branched alpha-D-mannopyranose-(1-3)-alpha-D-mannopyranose-(1-4)-2-acetamido-2-deoxy-beta-D-glucopyranose-(1-4)-2-acetamido-2-deoxy-beta-D-glucopyranose
3 branched 2-acetamido-2-deoxy-beta-D-glucopyranose-(1-4)-[alpha-L-fucopyranose-(1-6)]2-acetamido-2-deoxy-beta-D-glucopyranose
4 non-polymer 2-acetamido-2-deoxy-beta-D-glucopyranose
5 non-polymer 'SODIUM ION'
6 water water
#
_entity_poly.entity_id   1
_entity_poly.type   'polypeptide(L)'
_entity_poly.pdbx_seq_one_letter_code
;ETFSGGCLFDEPYSTCGYSQSEGDDFNWEQVNTLTKPTSDPW(MSE)PSGSF(MSE)LVNASGRPEGQRAHLLLPQLKEN
DTHCIDFHYFVSSKSNSPPGLLNVYVKVNNGPLGNPIWNISGDPTRTWNRAELAISTFWPNFYQVIFEVITSGHQGYLAI
DEVKVLGHPCTRTPHFLRIQNVEVNAGQFATFQCSAIGRTVAGDRLWLQGIDVRDAPLKEIKVTSSRRFIASFNVVNTTK
RDAGKYRC(MSE)IRTEGGVGISNYAELVVK
;
_entity_poly.pdbx_strand_id   A
#
# COMPACT_ATOMS: atom_id res chain seq x y z
N GLU A 1 11.19 -21.49 -9.46
CA GLU A 1 11.18 -20.02 -9.71
C GLU A 1 10.30 -19.18 -8.75
N THR A 2 10.90 -18.79 -7.62
CA THR A 2 10.36 -17.74 -6.74
C THR A 2 10.79 -16.37 -7.28
N PHE A 3 10.22 -15.30 -6.73
CA PHE A 3 10.50 -13.94 -7.20
C PHE A 3 10.84 -13.00 -6.06
N SER A 4 11.86 -12.18 -6.28
CA SER A 4 12.29 -11.23 -5.25
C SER A 4 11.21 -10.26 -4.87
N GLY A 5 10.19 -10.12 -5.71
CA GLY A 5 9.11 -9.16 -5.50
C GLY A 5 9.29 -7.86 -6.28
N GLY A 6 10.51 -7.62 -6.76
CA GLY A 6 10.91 -6.34 -7.33
C GLY A 6 11.14 -6.42 -8.84
N CYS A 7 11.31 -5.25 -9.46
CA CYS A 7 11.37 -5.14 -10.95
C CYS A 7 11.84 -3.78 -11.48
N LEU A 8 12.88 -3.82 -12.31
CA LEU A 8 13.44 -2.61 -12.91
C LEU A 8 12.76 -2.29 -14.26
N PHE A 9 11.99 -3.27 -14.75
CA PHE A 9 11.27 -3.14 -16.01
C PHE A 9 12.19 -2.97 -17.23
N ASP A 10 13.45 -3.35 -17.03
CA ASP A 10 14.42 -3.46 -18.12
C ASP A 10 14.15 -4.72 -18.96
N GLU A 11 13.78 -5.81 -18.29
CA GLU A 11 13.21 -7.00 -18.93
C GLU A 11 11.67 -6.92 -18.94
N PRO A 12 11.02 -7.76 -19.75
CA PRO A 12 9.55 -7.79 -19.68
C PRO A 12 9.04 -8.08 -18.24
N TYR A 13 7.94 -7.44 -17.83
CA TYR A 13 7.52 -7.51 -16.43
C TYR A 13 7.11 -8.91 -15.96
N SER A 14 6.76 -9.77 -16.89
CA SER A 14 6.44 -11.13 -16.49
C SER A 14 7.72 -11.86 -16.08
N THR A 15 8.88 -11.28 -16.36
CA THR A 15 10.16 -11.80 -15.86
C THR A 15 10.17 -11.74 -14.32
N CYS A 16 9.61 -10.65 -13.80
CA CYS A 16 9.56 -10.39 -12.39
C CYS A 16 8.37 -11.04 -11.70
N GLY A 17 7.61 -11.84 -12.45
CA GLY A 17 6.39 -12.44 -11.92
C GLY A 17 5.28 -11.41 -11.73
N TYR A 18 5.44 -10.23 -12.32
CA TYR A 18 4.37 -9.26 -12.26
C TYR A 18 3.31 -9.67 -13.26
N SER A 19 2.06 -9.37 -12.95
CA SER A 19 0.98 -9.66 -13.90
C SER A 19 -0.03 -8.55 -13.95
N GLN A 20 -1.03 -8.69 -14.82
CA GLN A 20 -2.09 -7.70 -15.01
C GLN A 20 -3.45 -8.38 -14.88
N SER A 21 -4.53 -7.60 -14.96
CA SER A 21 -5.88 -8.17 -14.92
C SER A 21 -6.63 -8.01 -16.25
N GLU A 22 -7.39 -9.05 -16.59
CA GLU A 22 -8.26 -8.97 -17.73
C GLU A 22 -9.71 -8.74 -17.29
N GLY A 23 -9.88 -8.54 -15.98
CA GLY A 23 -11.21 -8.34 -15.41
C GLY A 23 -11.57 -6.89 -15.27
N ASP A 24 -10.62 -6.01 -15.62
CA ASP A 24 -10.80 -4.59 -15.47
C ASP A 24 -10.83 -3.85 -16.82
N ASP A 25 -10.47 -2.57 -16.81
CA ASP A 25 -10.76 -1.70 -17.96
C ASP A 25 -9.67 -1.55 -19.00
N PHE A 26 -8.40 -1.66 -18.58
CA PHE A 26 -7.28 -1.76 -19.52
C PHE A 26 -6.04 -2.38 -18.89
N ASN A 27 -4.90 -2.07 -19.52
CA ASN A 27 -3.62 -2.54 -19.06
C ASN A 27 -2.56 -1.43 -18.98
N TRP A 28 -1.63 -1.59 -18.05
CA TRP A 28 -0.41 -0.76 -18.04
C TRP A 28 0.40 -1.12 -19.22
N GLU A 29 1.03 -0.11 -19.79
CA GLU A 29 1.98 -0.27 -20.89
C GLU A 29 3.41 -0.39 -20.31
N GLN A 30 4.32 -1.08 -21.00
CA GLN A 30 5.75 -1.09 -20.59
C GLN A 30 6.62 -0.34 -21.59
N VAL A 31 7.22 0.76 -21.13
CA VAL A 31 8.01 1.63 -22.01
C VAL A 31 9.52 1.62 -21.67
N ASN A 32 10.34 1.97 -22.66
CA ASN A 32 11.76 2.31 -22.46
C ASN A 32 12.19 3.44 -23.38
N THR A 33 12.34 4.63 -22.80
CA THR A 33 12.68 5.82 -23.56
C THR A 33 14.12 5.81 -24.13
N LEU A 34 14.98 4.91 -23.64
CA LEU A 34 16.30 4.77 -24.24
C LEU A 34 16.22 4.02 -25.59
N THR A 35 15.30 3.06 -25.68
CA THR A 35 15.17 2.20 -26.88
C THR A 35 14.17 2.76 -27.91
N LYS A 36 13.19 3.51 -27.43
CA LYS A 36 12.29 4.24 -28.31
C LYS A 36 12.01 5.58 -27.59
N PRO A 37 12.76 6.65 -27.97
CA PRO A 37 12.60 7.99 -27.38
C PRO A 37 11.25 8.65 -27.63
N THR A 38 11.03 9.78 -26.96
CA THR A 38 9.79 10.55 -27.11
C THR A 38 10.01 12.02 -26.77
N SER A 39 9.59 12.90 -27.69
CA SER A 39 9.70 14.34 -27.50
C SER A 39 8.49 14.93 -26.76
N ASP A 40 7.78 14.07 -26.03
CA ASP A 40 6.62 14.47 -25.23
C ASP A 40 7.13 15.11 -23.94
N PRO A 41 6.83 16.42 -23.73
CA PRO A 41 7.27 17.17 -22.56
C PRO A 41 6.88 16.52 -21.21
N TRP A 42 5.70 15.92 -21.16
CA TRP A 42 5.17 15.34 -19.93
C TRP A 42 5.62 13.92 -19.73
N PRO A 44 8.21 11.09 -18.74
CA PRO A 44 9.46 10.82 -18.04
C PRO A 44 10.49 10.06 -18.90
N SER A 45 11.65 9.73 -18.32
CA SER A 45 12.66 8.95 -19.01
C SER A 45 12.80 7.54 -18.45
N GLY A 46 13.54 6.71 -19.18
CA GLY A 46 13.96 5.39 -18.71
C GLY A 46 12.97 4.29 -19.02
N SER A 47 13.01 3.24 -18.21
CA SER A 47 12.17 2.08 -18.37
C SER A 47 11.13 2.10 -17.27
N PHE A 48 9.88 1.80 -17.61
CA PHE A 48 8.79 1.96 -16.67
C PHE A 48 7.45 1.43 -17.18
N LEU A 50 3.63 2.43 -17.67
CA LEU A 50 2.94 3.66 -17.90
C LEU A 50 1.44 3.48 -18.04
N VAL A 51 0.71 4.44 -17.51
CA VAL A 51 -0.69 4.62 -17.88
C VAL A 51 -0.77 5.88 -18.74
N ASN A 52 -1.20 5.74 -19.99
CA ASN A 52 -1.48 6.89 -20.86
C ASN A 52 -2.96 7.13 -20.72
N ALA A 53 -3.33 8.31 -20.21
CA ALA A 53 -4.71 8.60 -19.82
C ALA A 53 -5.51 9.32 -20.92
N SER A 54 -4.84 9.58 -22.04
CA SER A 54 -5.42 10.28 -23.19
C SER A 54 -6.59 9.49 -23.78
N GLY A 55 -7.74 10.16 -23.85
CA GLY A 55 -8.96 9.54 -24.40
C GLY A 55 -9.49 8.39 -23.55
N ARG A 56 -9.14 8.41 -22.26
CA ARG A 56 -9.72 7.49 -21.30
C ARG A 56 -10.70 8.28 -20.43
N PRO A 57 -11.95 7.78 -20.30
CA PRO A 57 -12.91 8.45 -19.41
C PRO A 57 -12.57 8.26 -17.93
N GLU A 58 -13.21 9.06 -17.08
CA GLU A 58 -13.14 8.95 -15.63
C GLU A 58 -13.61 7.56 -15.25
N GLY A 59 -13.14 7.03 -14.12
CA GLY A 59 -13.61 5.73 -13.61
C GLY A 59 -12.83 4.51 -14.07
N GLN A 60 -11.96 4.65 -15.06
CA GLN A 60 -11.31 3.46 -15.64
C GLN A 60 -10.19 2.91 -14.78
N ARG A 61 -10.22 1.61 -14.55
CA ARG A 61 -9.33 0.96 -13.59
C ARG A 61 -8.28 0.07 -14.29
N ALA A 62 -7.05 0.02 -13.76
CA ALA A 62 -5.99 -0.83 -14.33
C ALA A 62 -4.95 -1.30 -13.29
N HIS A 63 -4.83 -2.61 -13.12
CA HIS A 63 -4.07 -3.19 -12.01
C HIS A 63 -2.72 -3.78 -12.47
N LEU A 64 -1.61 -3.37 -11.85
CA LEU A 64 -0.32 -4.11 -12.00
C LEU A 64 -0.12 -4.89 -10.70
N LEU A 65 -0.18 -6.22 -10.77
CA LEU A 65 -0.01 -7.10 -9.58
C LEU A 65 1.40 -7.68 -9.44
N LEU A 66 1.97 -7.49 -8.24
CA LEU A 66 3.24 -8.11 -7.84
C LEU A 66 3.06 -9.61 -7.65
N PRO A 67 4.16 -10.38 -7.76
CA PRO A 67 4.10 -11.77 -7.36
C PRO A 67 3.72 -11.88 -5.88
N GLN A 68 3.15 -13.01 -5.50
CA GLN A 68 2.92 -13.31 -4.09
C GLN A 68 4.27 -13.49 -3.40
N LEU A 69 4.41 -12.81 -2.27
CA LEU A 69 5.62 -12.71 -1.51
C LEU A 69 5.50 -13.48 -0.19
N LYS A 70 6.49 -14.33 0.09
CA LYS A 70 6.43 -15.27 1.20
C LYS A 70 7.69 -15.15 2.03
N GLU A 71 7.80 -14.02 2.71
CA GLU A 71 9.07 -13.60 3.30
C GLU A 71 9.26 -14.13 4.72
N ASN A 72 10.49 -14.43 5.06
CA ASN A 72 10.80 -14.81 6.43
C ASN A 72 11.30 -13.60 7.24
N ASP A 73 12.18 -12.81 6.65
CA ASP A 73 12.79 -11.70 7.36
C ASP A 73 11.92 -10.49 7.22
N THR A 74 11.94 -9.60 8.19
CA THR A 74 11.31 -8.32 8.07
C THR A 74 12.00 -7.62 6.87
N HIS A 75 11.18 -7.03 5.98
CA HIS A 75 11.65 -6.55 4.68
C HIS A 75 10.95 -5.25 4.26
N CYS A 76 11.39 -4.63 3.17
CA CYS A 76 10.76 -3.38 2.75
C CYS A 76 10.43 -3.28 1.25
N ILE A 77 9.22 -2.86 0.93
CA ILE A 77 8.89 -2.60 -0.46
C ILE A 77 8.91 -1.10 -0.70
N ASP A 78 9.79 -0.66 -1.58
CA ASP A 78 9.66 0.68 -2.10
C ASP A 78 9.55 0.73 -3.64
N PHE A 79 8.61 1.56 -4.09
CA PHE A 79 8.47 1.87 -5.49
C PHE A 79 8.75 3.35 -5.70
N HIS A 80 9.07 3.70 -6.95
CA HIS A 80 9.39 5.05 -7.41
C HIS A 80 8.35 5.46 -8.45
N TYR A 81 7.66 6.58 -8.27
CA TYR A 81 6.52 6.91 -9.15
C TYR A 81 6.48 8.35 -9.71
N PHE A 82 5.83 8.51 -10.86
CA PHE A 82 5.84 9.78 -11.62
C PHE A 82 4.45 10.09 -12.14
N VAL A 83 4.08 11.35 -12.10
CA VAL A 83 2.78 11.79 -12.62
C VAL A 83 2.94 13.09 -13.38
N SER A 84 2.36 13.14 -14.59
CA SER A 84 2.34 14.37 -15.37
C SER A 84 1.00 14.58 -16.04
N SER A 85 0.73 15.83 -16.37
CA SER A 85 -0.50 16.20 -17.07
C SER A 85 -0.37 17.52 -17.82
N LYS A 86 -0.87 17.51 -19.06
CA LYS A 86 -0.95 18.71 -19.90
C LYS A 86 -1.75 19.80 -19.20
N SER A 87 -2.93 19.46 -18.69
CA SER A 87 -3.68 20.40 -17.84
C SER A 87 -2.91 20.52 -16.56
N ASN A 88 -3.13 21.60 -15.81
CA ASN A 88 -2.52 21.70 -14.48
C ASN A 88 -3.26 20.75 -13.51
N SER A 89 -3.86 19.68 -14.06
CA SER A 89 -4.88 18.83 -13.40
C SER A 89 -4.62 17.29 -13.48
N PRO A 90 -5.03 16.50 -12.47
CA PRO A 90 -4.45 15.15 -12.45
C PRO A 90 -5.11 14.19 -13.42
N PRO A 91 -4.29 13.28 -13.99
CA PRO A 91 -4.68 12.26 -14.97
C PRO A 91 -5.37 11.06 -14.34
N GLY A 92 -5.08 10.82 -13.06
CA GLY A 92 -5.73 9.76 -12.29
C GLY A 92 -5.34 9.69 -10.84
N LEU A 93 -6.01 8.81 -10.10
CA LEU A 93 -5.64 8.37 -8.75
C LEU A 93 -4.68 7.20 -8.88
N LEU A 94 -3.70 7.08 -7.98
CA LEU A 94 -2.99 5.79 -7.87
C LEU A 94 -3.22 5.18 -6.48
N ASN A 95 -3.62 3.92 -6.48
CA ASN A 95 -3.91 3.17 -5.26
C ASN A 95 -2.96 1.97 -5.12
N VAL A 96 -2.58 1.64 -3.89
CA VAL A 96 -1.83 0.39 -3.60
C VAL A 96 -2.65 -0.48 -2.64
N TYR A 97 -2.83 -1.75 -3.01
CA TYR A 97 -3.62 -2.71 -2.23
C TYR A 97 -2.73 -3.84 -1.78
N VAL A 98 -3.11 -4.47 -0.66
CA VAL A 98 -2.50 -5.73 -0.24
C VAL A 98 -3.57 -6.78 0.06
N LYS A 99 -3.57 -7.88 -0.68
CA LYS A 99 -4.35 -9.00 -0.23
C LYS A 99 -3.40 -10.00 0.40
N VAL A 100 -3.82 -10.53 1.53
CA VAL A 100 -3.01 -11.45 2.29
C VAL A 100 -3.65 -12.82 2.25
N ASN A 101 -2.82 -13.84 2.02
CA ASN A 101 -3.27 -15.22 1.90
C ASN A 101 -4.48 -15.30 1.01
N ASN A 102 -4.37 -14.72 -0.19
CA ASN A 102 -5.46 -14.79 -1.17
C ASN A 102 -6.80 -14.20 -0.75
N GLY A 103 -6.79 -13.24 0.16
CA GLY A 103 -8.03 -12.73 0.73
C GLY A 103 -8.68 -11.67 -0.14
N PRO A 104 -9.70 -11.00 0.40
CA PRO A 104 -10.38 -9.95 -0.35
C PRO A 104 -9.40 -8.80 -0.60
N LEU A 105 -9.70 -7.99 -1.62
CA LEU A 105 -8.82 -6.90 -2.04
C LEU A 105 -8.65 -5.92 -0.88
N GLY A 106 -9.79 -5.60 -0.24
CA GLY A 106 -9.82 -4.63 0.85
C GLY A 106 -9.75 -3.22 0.29
N ASN A 107 -9.30 -2.29 1.12
CA ASN A 107 -9.11 -0.89 0.69
C ASN A 107 -7.66 -0.56 0.38
N PRO A 108 -7.43 0.56 -0.34
CA PRO A 108 -6.07 0.96 -0.65
C PRO A 108 -5.38 1.25 0.65
N ILE A 109 -4.21 0.66 0.81
CA ILE A 109 -3.46 0.86 2.02
C ILE A 109 -2.68 2.17 1.88
N TRP A 110 -2.45 2.59 0.64
CA TRP A 110 -1.70 3.79 0.29
C TRP A 110 -2.27 4.37 -1.00
N ASN A 111 -2.35 5.68 -1.08
CA ASN A 111 -2.86 6.32 -2.27
C ASN A 111 -2.37 7.75 -2.42
N ILE A 112 -2.16 8.16 -3.65
CA ILE A 112 -2.01 9.59 -3.99
C ILE A 112 -3.19 10.05 -4.84
N SER A 113 -3.64 11.27 -4.63
CA SER A 113 -4.71 11.78 -5.48
C SER A 113 -4.16 12.23 -6.85
N GLY A 114 -2.86 11.98 -7.05
CA GLY A 114 -2.24 12.04 -8.37
C GLY A 114 -1.84 13.39 -8.90
N ASP A 115 -1.80 14.40 -8.04
CA ASP A 115 -1.41 15.76 -8.44
C ASP A 115 -0.20 15.77 -9.40
N PRO A 116 -0.36 16.38 -10.59
CA PRO A 116 0.60 16.32 -11.71
C PRO A 116 1.83 17.23 -11.55
N THR A 117 2.86 16.71 -10.89
CA THR A 117 4.06 17.50 -10.60
C THR A 117 5.29 17.09 -11.42
N ARG A 118 5.06 16.21 -12.38
CA ARG A 118 6.15 15.58 -13.13
C ARG A 118 7.51 15.54 -12.42
N THR A 119 7.50 15.05 -11.18
CA THR A 119 8.71 14.53 -10.55
C THR A 119 8.48 13.11 -10.08
N TRP A 120 9.56 12.49 -9.65
CA TRP A 120 9.52 11.17 -9.10
C TRP A 120 9.52 11.29 -7.59
N ASN A 121 8.76 10.40 -6.96
CA ASN A 121 8.64 10.36 -5.51
C ASN A 121 8.78 8.92 -5.09
N ARG A 122 9.56 8.67 -4.02
CA ARG A 122 9.58 7.35 -3.35
C ARG A 122 8.38 7.21 -2.42
N ALA A 123 7.90 5.96 -2.29
CA ALA A 123 7.00 5.55 -1.21
C ALA A 123 7.42 4.15 -0.77
N GLU A 124 7.47 3.89 0.54
CA GLU A 124 7.82 2.55 0.99
C GLU A 124 6.69 1.90 1.74
N LEU A 125 6.59 0.58 1.57
CA LEU A 125 5.57 -0.23 2.24
C LEU A 125 6.18 -1.17 3.29
N ALA A 126 5.64 -1.14 4.51
CA ALA A 126 6.12 -2.08 5.55
C ALA A 126 4.99 -3.03 5.92
N ILE A 127 4.98 -4.20 5.30
CA ILE A 127 3.92 -5.17 5.54
C ILE A 127 4.42 -6.28 6.48
N SER A 128 3.68 -6.54 7.57
CA SER A 128 4.00 -7.62 8.51
C SER A 128 3.22 -8.88 8.19
N THR A 129 3.66 -9.59 7.17
CA THR A 129 3.03 -10.84 6.75
C THR A 129 4.13 -11.71 6.23
N PHE A 130 4.31 -12.86 6.90
CA PHE A 130 5.46 -13.68 6.64
C PHE A 130 5.11 -15.13 6.39
N TRP A 131 6.08 -15.83 5.79
CA TRP A 131 6.03 -17.28 5.59
C TRP A 131 5.62 -17.92 6.89
N PRO A 132 4.75 -18.94 6.83
CA PRO A 132 4.20 -19.57 5.63
C PRO A 132 3.03 -18.79 4.98
N ASN A 133 2.72 -17.60 5.47
CA ASN A 133 1.73 -16.76 4.84
C ASN A 133 2.33 -15.90 3.70
N PHE A 134 1.46 -15.19 2.98
CA PHE A 134 1.91 -14.43 1.83
C PHE A 134 0.98 -13.29 1.51
N TYR A 135 1.51 -12.33 0.77
CA TYR A 135 0.69 -11.23 0.33
C TYR A 135 1.05 -10.79 -1.07
N GLN A 136 0.14 -10.03 -1.65
CA GLN A 136 0.27 -9.57 -3.01
C GLN A 136 -0.02 -8.08 -3.08
N VAL A 137 1.01 -7.34 -3.50
CA VAL A 137 0.89 -5.91 -3.77
C VAL A 137 0.23 -5.64 -5.13
N ILE A 138 -0.77 -4.76 -5.15
CA ILE A 138 -1.51 -4.48 -6.36
C ILE A 138 -1.61 -2.98 -6.61
N PHE A 139 -0.97 -2.54 -7.70
CA PHE A 139 -1.00 -1.15 -8.12
C PHE A 139 -2.20 -0.92 -9.00
N GLU A 140 -3.06 0.00 -8.59
CA GLU A 140 -4.26 0.30 -9.33
C GLU A 140 -4.37 1.78 -9.70
N VAL A 141 -4.32 2.11 -10.99
CA VAL A 141 -4.67 3.44 -11.43
C VAL A 141 -6.15 3.54 -11.73
N ILE A 142 -6.79 4.59 -11.23
CA ILE A 142 -8.16 4.93 -11.68
C ILE A 142 -8.17 6.35 -12.31
N THR A 143 -8.55 6.43 -13.58
CA THR A 143 -8.48 7.68 -14.36
C THR A 143 -9.46 8.78 -13.95
N SER A 144 -8.97 10.01 -14.06
CA SER A 144 -9.71 11.20 -13.68
C SER A 144 -10.63 11.67 -14.79
N GLY A 145 -10.26 11.30 -16.02
CA GLY A 145 -10.90 11.83 -17.22
C GLY A 145 -10.03 12.81 -18.00
N HIS A 146 -9.11 13.51 -17.33
CA HIS A 146 -8.16 14.38 -18.02
C HIS A 146 -6.91 13.62 -18.49
N GLN A 147 -6.21 14.18 -19.47
CA GLN A 147 -5.10 13.50 -20.09
C GLN A 147 -3.83 13.61 -19.24
N GLY A 148 -2.90 12.67 -19.46
CA GLY A 148 -1.61 12.68 -18.78
C GLY A 148 -1.00 11.32 -18.54
N TYR A 149 -0.08 11.22 -17.59
CA TYR A 149 0.75 10.03 -17.41
C TYR A 149 0.93 9.72 -15.96
N LEU A 150 0.82 8.46 -15.59
CA LEU A 150 1.26 7.98 -14.28
C LEU A 150 2.27 6.88 -14.60
N ALA A 151 3.42 6.87 -13.95
CA ALA A 151 4.39 5.82 -14.22
C ALA A 151 5.15 5.33 -12.99
N ILE A 152 5.52 4.06 -13.02
CA ILE A 152 6.31 3.43 -11.97
C ILE A 152 7.61 2.88 -12.59
N ASP A 153 8.76 3.46 -12.24
CA ASP A 153 9.98 3.08 -12.97
C ASP A 153 10.86 2.10 -12.27
N GLU A 154 10.52 1.75 -11.02
CA GLU A 154 11.13 0.60 -10.34
C GLU A 154 10.52 0.32 -8.99
N VAL A 155 10.35 -0.98 -8.71
CA VAL A 155 9.95 -1.54 -7.43
C VAL A 155 11.17 -2.32 -6.87
N LYS A 156 11.51 -2.07 -5.61
CA LYS A 156 12.64 -2.75 -4.94
C LYS A 156 12.21 -3.43 -3.63
N VAL A 157 12.52 -4.71 -3.47
CA VAL A 157 12.21 -5.36 -2.21
C VAL A 157 13.48 -5.64 -1.40
N LEU A 158 13.67 -4.86 -0.34
CA LEU A 158 14.88 -4.97 0.44
C LEU A 158 14.67 -5.83 1.70
N GLY A 159 15.72 -6.54 2.10
CA GLY A 159 15.66 -7.39 3.29
C GLY A 159 16.12 -6.64 4.53
N HIS A 160 15.38 -5.59 4.88
CA HIS A 160 15.64 -4.84 6.12
C HIS A 160 14.44 -3.96 6.38
N PRO A 161 14.23 -3.53 7.63
CA PRO A 161 13.12 -2.63 7.96
C PRO A 161 13.09 -1.43 7.05
N CYS A 162 11.93 -0.82 6.95
CA CYS A 162 11.86 0.38 6.14
C CYS A 162 12.48 1.49 6.95
N THR A 163 13.11 2.43 6.24
CA THR A 163 13.79 3.57 6.85
C THR A 163 12.85 4.74 7.17
N ARG A 164 11.84 4.95 6.35
CA ARG A 164 10.96 6.09 6.59
C ARG A 164 9.59 5.67 7.11
N THR A 165 9.47 4.39 7.46
CA THR A 165 8.25 3.85 8.07
C THR A 165 8.59 2.89 9.19
N PRO A 166 7.90 3.04 10.34
CA PRO A 166 8.01 1.98 11.34
C PRO A 166 7.36 0.69 10.81
N HIS A 167 7.64 -0.45 11.43
CA HIS A 167 6.94 -1.68 11.07
C HIS A 167 6.31 -2.23 12.32
N PHE A 168 5.15 -2.88 12.20
CA PHE A 168 4.43 -3.38 13.39
C PHE A 168 4.86 -4.77 13.82
N LEU A 169 4.60 -5.08 15.08
CA LEU A 169 4.81 -6.44 15.56
C LEU A 169 3.49 -7.19 15.63
N ARG A 170 3.59 -8.50 15.41
CA ARG A 170 2.45 -9.38 15.43
C ARG A 170 1.46 -8.91 16.49
N ILE A 171 0.20 -8.75 16.11
CA ILE A 171 -0.81 -8.28 17.06
C ILE A 171 -1.84 -9.36 17.25
N GLN A 172 -2.16 -9.65 18.51
CA GLN A 172 -2.98 -10.80 18.83
C GLN A 172 -4.46 -10.45 18.83
N ASN A 173 -5.28 -11.43 18.45
CA ASN A 173 -6.74 -11.30 18.52
C ASN A 173 -7.19 -10.78 19.87
N VAL A 174 -8.35 -10.14 19.90
CA VAL A 174 -8.83 -9.59 21.17
C VAL A 174 -10.16 -10.21 21.51
N GLU A 175 -10.35 -10.57 22.78
CA GLU A 175 -11.57 -11.24 23.24
C GLU A 175 -12.17 -10.59 24.49
N VAL A 176 -13.45 -10.22 24.42
CA VAL A 176 -14.19 -9.61 25.54
C VAL A 176 -15.66 -10.07 25.63
N ASN A 177 -16.39 -9.56 26.63
CA ASN A 177 -17.77 -9.99 26.88
C ASN A 177 -18.89 -9.17 26.19
N ALA A 178 -19.38 -8.11 26.84
CA ALA A 178 -20.42 -7.24 26.27
C ALA A 178 -20.06 -5.76 26.44
N GLY A 179 -20.89 -5.01 27.16
CA GLY A 179 -20.69 -3.57 27.39
C GLY A 179 -19.40 -3.18 28.11
N GLN A 180 -18.27 -3.31 27.43
CA GLN A 180 -16.92 -3.01 27.96
C GLN A 180 -15.91 -2.83 26.82
N PHE A 181 -14.98 -1.88 26.97
CA PHE A 181 -14.07 -1.52 25.87
C PHE A 181 -13.14 -2.64 25.42
N ALA A 182 -12.83 -2.65 24.12
CA ALA A 182 -11.87 -3.58 23.55
C ALA A 182 -10.66 -2.80 23.03
N THR A 183 -9.48 -3.09 23.60
CA THR A 183 -8.25 -2.34 23.32
C THR A 183 -7.34 -3.09 22.36
N PHE A 184 -6.91 -2.39 21.32
CA PHE A 184 -5.93 -2.91 20.37
C PHE A 184 -4.63 -2.19 20.56
N GLN A 185 -3.58 -2.98 20.80
CA GLN A 185 -2.27 -2.48 21.11
C GLN A 185 -1.39 -2.67 19.91
N CYS A 186 -1.36 -1.64 19.08
CA CYS A 186 -0.58 -1.68 17.86
C CYS A 186 0.85 -1.29 18.21
N SER A 187 1.69 -2.30 18.37
CA SER A 187 3.04 -2.13 18.86
C SER A 187 4.04 -2.15 17.71
N ALA A 188 4.80 -1.07 17.58
CA ALA A 188 5.72 -0.88 16.46
C ALA A 188 7.19 -0.71 16.81
N ILE A 189 8.03 -0.91 15.82
CA ILE A 189 9.44 -0.62 15.95
C ILE A 189 9.85 0.45 14.95
N GLY A 190 10.37 1.56 15.46
CA GLY A 190 10.73 2.69 14.64
C GLY A 190 10.26 3.97 15.31
N ARG A 191 10.28 5.05 14.56
CA ARG A 191 9.96 6.37 15.09
C ARG A 191 8.68 6.99 14.49
N THR A 192 7.88 7.64 15.32
CA THR A 192 6.72 8.36 14.78
C THR A 192 6.75 9.84 15.14
N VAL A 193 6.33 10.67 14.20
CA VAL A 193 6.39 12.09 14.43
C VAL A 193 5.02 12.65 14.24
N ALA A 194 4.92 13.98 14.29
CA ALA A 194 3.68 14.74 14.20
C ALA A 194 2.81 14.30 13.03
N GLY A 195 3.09 14.78 11.84
CA GLY A 195 2.21 14.50 10.69
C GLY A 195 1.59 13.10 10.59
N ASP A 196 2.42 12.08 10.85
CA ASP A 196 2.04 10.70 10.84
C ASP A 196 0.59 10.48 11.24
N ARG A 197 -0.12 9.68 10.44
CA ARG A 197 -1.47 9.27 10.78
C ARG A 197 -1.47 7.81 11.19
N LEU A 198 -2.15 7.51 12.29
CA LEU A 198 -2.17 6.15 12.83
C LEU A 198 -3.58 5.67 13.05
N TRP A 199 -3.89 4.47 12.58
CA TRP A 199 -5.26 4.04 12.65
C TRP A 199 -5.44 2.56 12.56
N LEU A 200 -6.55 2.12 13.15
CA LEU A 200 -6.97 0.75 13.15
C LEU A 200 -8.12 0.66 12.18
N GLN A 201 -7.93 -0.11 11.12
CA GLN A 201 -8.94 -0.27 10.11
C GLN A 201 -9.56 -1.64 10.24
N GLY A 202 -10.89 -1.65 10.33
CA GLY A 202 -11.66 -2.87 10.38
C GLY A 202 -12.53 -2.95 9.15
N ILE A 203 -12.66 -4.14 8.58
CA ILE A 203 -13.47 -4.30 7.39
C ILE A 203 -14.94 -4.41 7.78
N ASP A 204 -15.75 -3.60 7.09
CA ASP A 204 -17.21 -3.47 7.34
C ASP A 204 -17.56 -2.74 8.65
N VAL A 205 -16.53 -2.33 9.40
CA VAL A 205 -16.72 -1.71 10.72
C VAL A 205 -16.11 -0.30 10.81
N ARG A 206 -16.88 0.63 11.40
CA ARG A 206 -16.39 1.99 11.69
C ARG A 206 -15.09 1.92 12.50
N ASP A 207 -14.08 2.63 12.01
CA ASP A 207 -12.73 2.59 12.57
C ASP A 207 -12.66 3.00 14.02
N ALA A 208 -12.04 2.16 14.84
CA ALA A 208 -11.73 2.52 16.21
C ALA A 208 -10.81 3.76 16.23
N PRO A 209 -11.12 4.72 17.13
CA PRO A 209 -10.29 5.91 17.31
C PRO A 209 -8.92 5.59 17.90
N LEU A 210 -7.88 6.22 17.36
CA LEU A 210 -6.65 6.37 18.10
C LEU A 210 -7.03 6.85 19.50
N LYS A 211 -6.55 6.14 20.52
CA LYS A 211 -6.82 6.51 21.91
C LYS A 211 -5.58 7.16 22.53
N GLU A 212 -4.42 6.60 22.23
CA GLU A 212 -3.12 7.20 22.60
C GLU A 212 -1.90 6.60 21.87
N ILE A 213 -0.84 7.40 21.76
CA ILE A 213 0.45 6.87 21.31
C ILE A 213 1.38 7.00 22.48
N LYS A 214 1.97 5.88 22.86
CA LYS A 214 2.80 5.83 24.01
C LYS A 214 4.17 5.42 23.50
N VAL A 215 5.13 6.33 23.60
CA VAL A 215 6.47 6.12 23.06
C VAL A 215 7.41 5.68 24.18
N THR A 216 8.02 4.51 24.04
CA THR A 216 8.79 3.90 25.13
C THR A 216 10.29 4.14 24.98
N SER A 217 10.74 4.27 23.75
CA SER A 217 12.14 4.53 23.43
C SER A 217 12.22 5.15 22.04
N SER A 218 13.45 5.37 21.57
CA SER A 218 13.64 5.99 20.25
C SER A 218 13.29 5.06 19.13
N ARG A 219 13.06 3.80 19.46
CA ARG A 219 12.81 2.80 18.47
C ARG A 219 11.56 2.01 18.76
N ARG A 220 10.80 2.38 19.78
CA ARG A 220 9.59 1.61 20.11
C ARG A 220 8.44 2.50 20.54
N PHE A 221 7.27 2.30 19.94
CA PHE A 221 6.03 2.91 20.42
C PHE A 221 4.88 1.97 20.23
N ILE A 222 3.82 2.20 21.00
CA ILE A 222 2.58 1.44 20.93
C ILE A 222 1.43 2.41 20.69
N ALA A 223 0.68 2.19 19.62
CA ALA A 223 -0.53 2.94 19.37
C ALA A 223 -1.72 2.13 19.81
N SER A 224 -2.60 2.71 20.61
CA SER A 224 -3.71 1.95 21.15
C SER A 224 -5.05 2.54 20.76
N PHE A 225 -5.98 1.64 20.37
CA PHE A 225 -7.27 2.02 19.75
C PHE A 225 -8.41 1.31 20.44
N ASN A 226 -9.41 2.08 20.91
CA ASN A 226 -10.43 1.51 21.79
C ASN A 226 -11.85 1.45 21.26
N VAL A 227 -12.35 0.24 21.12
CA VAL A 227 -13.73 0.06 20.68
C VAL A 227 -14.56 -0.10 21.95
N VAL A 228 -15.34 0.94 22.27
CA VAL A 228 -15.95 1.10 23.60
C VAL A 228 -17.41 0.61 23.68
N ASN A 229 -17.77 -0.05 24.78
CA ASN A 229 -19.12 -0.60 25.02
C ASN A 229 -19.55 -1.65 23.96
N THR A 230 -18.69 -2.64 23.73
CA THR A 230 -18.79 -3.60 22.60
C THR A 230 -20.04 -4.50 22.52
N THR A 231 -20.45 -4.79 21.28
CA THR A 231 -21.52 -5.76 21.01
C THR A 231 -21.16 -6.71 19.86
N LYS A 232 -22.08 -7.59 19.49
CA LYS A 232 -21.91 -8.54 18.40
C LYS A 232 -21.65 -7.82 17.08
N ARG A 233 -22.46 -6.79 16.81
CA ARG A 233 -22.31 -5.99 15.60
C ARG A 233 -21.03 -5.15 15.62
N ASP A 234 -20.01 -5.68 16.30
CA ASP A 234 -18.67 -5.09 16.40
C ASP A 234 -17.57 -6.06 15.92
N ALA A 235 -17.89 -7.36 15.90
CA ALA A 235 -16.91 -8.43 15.61
C ALA A 235 -16.43 -8.50 14.15
N GLY A 236 -15.12 -8.63 13.96
CA GLY A 236 -14.50 -8.67 12.64
C GLY A 236 -12.98 -8.64 12.68
N LYS A 237 -12.36 -8.37 11.53
CA LYS A 237 -10.89 -8.32 11.39
C LYS A 237 -10.36 -6.88 11.46
N TYR A 238 -9.32 -6.69 12.27
CA TYR A 238 -8.69 -5.37 12.44
C TYR A 238 -7.21 -5.40 12.12
N ARG A 239 -6.69 -4.27 11.67
CA ARG A 239 -5.28 -4.15 11.29
C ARG A 239 -4.70 -2.83 11.74
N CYS A 240 -3.40 -2.83 12.04
CA CYS A 240 -2.70 -1.63 12.45
C CYS A 240 -2.16 -0.97 11.23
N ILE A 242 -0.06 2.59 9.87
CA ILE A 242 0.61 3.88 10.02
C ILE A 242 0.96 4.48 8.67
N ARG A 243 0.55 5.73 8.46
CA ARG A 243 1.01 6.47 7.29
C ARG A 243 1.98 7.58 7.70
N THR A 244 3.19 7.54 7.16
CA THR A 244 4.15 8.59 7.41
C THR A 244 4.43 9.30 6.11
N GLU A 245 5.13 10.43 6.20
CA GLU A 245 5.56 11.15 5.02
C GLU A 245 6.41 10.31 4.04
N GLY A 246 6.60 9.04 4.33
CA GLY A 246 7.52 8.25 3.54
C GLY A 246 6.95 6.93 3.07
N GLY A 247 5.97 6.43 3.79
CA GLY A 247 5.42 5.13 3.47
C GLY A 247 4.31 4.69 4.42
N VAL A 248 3.82 3.49 4.19
CA VAL A 248 2.76 2.94 5.02
C VAL A 248 3.24 1.59 5.56
N GLY A 249 2.97 1.38 6.85
CA GLY A 249 3.27 0.12 7.50
C GLY A 249 1.99 -0.53 7.95
N ILE A 250 1.90 -1.84 7.80
CA ILE A 250 0.69 -2.53 8.23
C ILE A 250 0.93 -3.88 8.93
N SER A 251 0.39 -4.00 10.14
CA SER A 251 0.42 -5.23 10.91
C SER A 251 -0.35 -6.31 10.23
N ASN A 252 -0.23 -7.51 10.75
CA ASN A 252 -1.14 -8.60 10.42
C ASN A 252 -2.58 -8.22 10.83
N TYR A 253 -3.54 -9.00 10.38
CA TYR A 253 -4.90 -8.84 10.82
C TYR A 253 -5.16 -9.53 12.15
N ALA A 254 -5.55 -8.73 13.13
CA ALA A 254 -6.03 -9.26 14.40
C ALA A 254 -7.55 -9.37 14.33
N GLU A 255 -8.11 -10.32 15.06
CA GLU A 255 -9.54 -10.57 15.02
C GLU A 255 -10.18 -10.23 16.36
N LEU A 256 -11.47 -9.86 16.32
CA LEU A 256 -12.19 -9.46 17.53
C LEU A 256 -13.34 -10.40 17.88
N VAL A 257 -13.28 -10.95 19.08
CA VAL A 257 -14.24 -11.94 19.57
C VAL A 257 -15.05 -11.37 20.73
N VAL A 258 -16.37 -11.57 20.68
CA VAL A 258 -17.29 -10.99 21.68
C VAL A 258 -18.14 -12.06 22.34
N LYS A 259 -18.02 -12.17 23.66
CA LYS A 259 -18.79 -13.13 24.47
C LYS A 259 -20.05 -12.49 25.04
#